data_7AH2
#
_entry.id   7AH2
#
_cell.length_a   46.163
_cell.length_b   23.859
_cell.length_c   54.306
_cell.angle_alpha   90.000
_cell.angle_beta   101.664
_cell.angle_gamma   90.000
#
_symmetry.space_group_name_H-M   'P 1 21 1'
#
loop_
_entity.id
_entity.type
_entity.pdbx_description
1 polymer 'E3 ubiquitin-protein ligase Mdm2'
2 non-polymer 'ZINC ION'
3 water water
#
_entity_poly.entity_id   1
_entity_poly.type   'polypeptide(L)'
_entity_poly.pdbx_seq_one_letter_code
;GSFNSLEACLPATCLEPCVICQSRPKNGCIVHGRTGHLMACYTCAKKLKNRNKLCPVCREPIQSVVLTYMS
;
_entity_poly.pdbx_strand_id   AAA,BBB
#
# COMPACT_ATOMS: atom_id res chain seq x y z
N CYS A 14 -7.07 3.76 -10.23
CA CYS A 14 -7.47 3.07 -11.50
C CYS A 14 -7.71 1.58 -11.24
N LEU A 15 -8.80 1.04 -11.79
CA LEU A 15 -9.07 -0.42 -11.88
C LEU A 15 -8.22 -1.06 -13.00
N GLU A 16 -7.36 -0.29 -13.69
CA GLU A 16 -6.40 -0.76 -14.72
C GLU A 16 -5.34 -1.64 -14.06
N PRO A 17 -4.68 -2.55 -14.82
CA PRO A 17 -3.73 -3.50 -14.25
C PRO A 17 -2.31 -2.94 -14.04
N CYS A 18 -1.41 -3.79 -13.53
CA CYS A 18 0.04 -3.47 -13.35
C CYS A 18 0.59 -2.88 -14.65
N VAL A 19 1.25 -1.73 -14.60
CA VAL A 19 1.71 -0.97 -15.82
C VAL A 19 2.78 -1.77 -16.57
N ILE A 20 3.55 -2.61 -15.87
CA ILE A 20 4.68 -3.40 -16.46
C ILE A 20 4.09 -4.62 -17.19
N CYS A 21 3.48 -5.57 -16.47
CA CYS A 21 2.99 -6.86 -17.05
C CYS A 21 1.57 -6.71 -17.62
N GLN A 22 0.75 -5.83 -17.02
CA GLN A 22 -0.65 -5.52 -17.43
C GLN A 22 -1.52 -6.77 -17.30
N SER A 23 -1.05 -7.78 -16.56
CA SER A 23 -1.64 -9.13 -16.46
C SER A 23 -2.06 -9.45 -15.02
N ARG A 24 -1.65 -8.62 -14.05
CA ARG A 24 -1.92 -8.78 -12.60
C ARG A 24 -2.31 -7.43 -12.02
N PRO A 25 -3.07 -7.39 -10.91
CA PRO A 25 -3.50 -6.12 -10.32
C PRO A 25 -2.32 -5.37 -9.67
N LYS A 26 -2.52 -4.07 -9.42
CA LYS A 26 -1.55 -3.18 -8.71
C LYS A 26 -1.63 -3.44 -7.20
N ASN A 27 -1.02 -4.52 -6.73
CA ASN A 27 -1.00 -4.91 -5.30
C ASN A 27 0.45 -4.94 -4.78
N GLY A 28 1.38 -4.38 -5.54
CA GLY A 28 2.81 -4.25 -5.17
C GLY A 28 3.15 -2.82 -4.82
N CYS A 29 3.07 -2.47 -3.54
CA CYS A 29 3.29 -1.09 -3.01
C CYS A 29 4.79 -0.82 -2.82
N ILE A 30 5.33 0.12 -3.62
CA ILE A 30 6.74 0.58 -3.54
C ILE A 30 6.81 1.61 -2.40
N VAL A 31 7.48 1.26 -1.30
CA VAL A 31 7.63 2.12 -0.09
C VAL A 31 8.96 2.87 -0.19
N HIS A 32 8.94 4.18 0.01
CA HIS A 32 10.15 5.03 0.18
C HIS A 32 9.85 6.02 1.31
N GLY A 33 10.52 5.83 2.45
CA GLY A 33 10.15 6.51 3.70
C GLY A 33 8.79 6.01 4.16
N ARG A 34 7.85 6.95 4.34
CA ARG A 34 6.49 6.68 4.89
C ARG A 34 5.43 6.84 3.80
N THR A 35 5.82 7.07 2.54
CA THR A 35 4.89 7.14 1.37
C THR A 35 5.14 5.92 0.48
N GLY A 36 4.08 5.46 -0.20
CA GLY A 36 4.11 4.33 -1.15
C GLY A 36 3.53 4.71 -2.49
N HIS A 37 3.98 4.03 -3.56
CA HIS A 37 3.46 4.16 -4.94
C HIS A 37 2.88 2.83 -5.42
N LEU A 38 1.64 2.84 -5.90
CA LEU A 38 0.89 1.62 -6.31
C LEU A 38 0.56 1.73 -7.80
N MET A 39 1.46 1.22 -8.64
CA MET A 39 1.31 1.20 -10.13
C MET A 39 1.60 -0.20 -10.68
N ALA A 40 2.16 -1.11 -9.87
CA ALA A 40 2.69 -2.41 -10.33
C ALA A 40 2.24 -3.52 -9.38
N CYS A 41 2.30 -4.77 -9.85
CA CYS A 41 1.98 -5.99 -9.06
C CYS A 41 3.16 -6.26 -8.13
N TYR A 42 2.92 -6.99 -7.03
CA TYR A 42 3.94 -7.37 -6.02
C TYR A 42 5.15 -8.04 -6.70
N THR A 43 4.90 -8.92 -7.64
CA THR A 43 5.93 -9.77 -8.31
C THR A 43 6.78 -8.88 -9.22
N CYS A 44 6.16 -7.94 -9.94
CA CYS A 44 6.86 -6.98 -10.85
C CYS A 44 7.68 -6.00 -10.02
N ALA A 45 7.06 -5.39 -9.00
CA ALA A 45 7.65 -4.38 -8.12
C ALA A 45 8.83 -4.98 -7.34
N LYS A 46 8.79 -6.28 -7.03
CA LYS A 46 9.88 -7.02 -6.34
C LYS A 46 11.08 -7.19 -7.27
N LYS A 47 10.84 -7.57 -8.54
CA LYS A 47 11.91 -7.72 -9.55
C LYS A 47 12.68 -6.40 -9.68
N LEU A 48 11.96 -5.27 -9.68
CA LEU A 48 12.54 -3.91 -9.72
C LEU A 48 13.52 -3.72 -8.55
N LYS A 49 13.16 -4.18 -7.36
CA LYS A 49 13.97 -4.01 -6.14
C LYS A 49 15.20 -4.92 -6.19
N ASN A 50 15.05 -6.16 -6.66
CA ASN A 50 16.14 -7.17 -6.72
C ASN A 50 17.14 -6.76 -7.81
N ARG A 51 16.68 -6.15 -8.91
CA ARG A 51 17.52 -5.72 -10.06
C ARG A 51 17.95 -4.25 -9.89
N ASN A 52 17.71 -3.68 -8.70
CA ASN A 52 18.08 -2.29 -8.27
C ASN A 52 17.61 -1.25 -9.28
N LYS A 53 16.37 -1.36 -9.76
CA LYS A 53 15.70 -0.33 -10.58
C LYS A 53 15.13 0.73 -9.63
N LEU A 54 14.71 1.87 -10.15
CA LEU A 54 14.07 2.92 -9.33
C LEU A 54 12.55 2.77 -9.45
N CYS A 55 11.82 3.46 -8.57
CA CYS A 55 10.34 3.58 -8.65
C CYS A 55 9.96 4.26 -9.97
N PRO A 56 9.18 3.58 -10.84
CA PRO A 56 8.76 4.19 -12.11
C PRO A 56 7.94 5.49 -11.94
N VAL A 57 7.25 5.65 -10.81
CA VAL A 57 6.40 6.86 -10.55
C VAL A 57 7.32 8.07 -10.33
N CYS A 58 8.34 7.95 -9.47
CA CYS A 58 9.17 9.09 -8.98
C CYS A 58 10.70 8.86 -9.13
N ARG A 59 11.15 7.75 -9.71
CA ARG A 59 12.59 7.44 -9.94
C ARG A 59 13.37 7.61 -8.63
N GLU A 60 12.78 7.18 -7.51
CA GLU A 60 13.39 7.18 -6.17
C GLU A 60 13.62 5.73 -5.78
N PRO A 61 14.71 5.38 -5.06
CA PRO A 61 15.01 3.97 -4.79
C PRO A 61 13.92 3.25 -3.98
N ILE A 62 13.65 2.00 -4.35
CA ILE A 62 12.64 1.11 -3.70
C ILE A 62 13.24 0.59 -2.39
N GLN A 63 12.75 1.09 -1.25
CA GLN A 63 13.22 0.70 0.12
C GLN A 63 12.62 -0.64 0.52
N SER A 64 11.37 -0.90 0.13
CA SER A 64 10.70 -2.20 0.36
C SER A 64 9.46 -2.30 -0.50
N VAL A 65 8.92 -3.51 -0.64
CA VAL A 65 7.67 -3.80 -1.38
C VAL A 65 6.71 -4.56 -0.44
N VAL A 66 5.49 -4.04 -0.31
CA VAL A 66 4.41 -4.64 0.51
C VAL A 66 3.41 -5.28 -0.45
N LEU A 67 3.05 -6.56 -0.22
CA LEU A 67 1.93 -7.25 -0.90
C LEU A 67 0.61 -6.72 -0.30
N THR A 68 -0.09 -5.87 -1.05
CA THR A 68 -1.26 -5.09 -0.57
C THR A 68 -2.58 -5.78 -0.96
N TYR A 69 -3.49 -5.93 -0.01
CA TYR A 69 -4.85 -6.51 -0.22
C TYR A 69 -5.88 -5.43 0.08
N MET A 70 -6.77 -5.16 -0.88
CA MET A 70 -7.86 -4.16 -0.78
C MET A 70 -9.06 -4.83 -0.10
N SER A 71 -9.74 -4.12 0.79
CA SER A 71 -10.94 -4.60 1.53
C SER A 71 -11.90 -3.44 1.78
N CYS B 14 -14.33 -2.41 -5.03
CA CYS B 14 -15.07 -1.24 -4.44
C CYS B 14 -14.16 0.01 -4.41
N LEU B 15 -14.59 1.08 -5.09
CA LEU B 15 -13.98 2.44 -5.00
C LEU B 15 -14.60 3.18 -3.79
N GLU B 16 -15.14 2.43 -2.82
CA GLU B 16 -15.77 2.92 -1.57
C GLU B 16 -14.73 3.62 -0.70
N PRO B 17 -15.14 4.52 0.23
CA PRO B 17 -14.19 5.30 1.03
C PRO B 17 -13.62 4.56 2.25
N CYS B 18 -12.77 5.23 3.04
CA CYS B 18 -12.20 4.72 4.31
C CYS B 18 -13.34 4.18 5.16
N VAL B 19 -13.23 2.95 5.66
CA VAL B 19 -14.34 2.22 6.36
C VAL B 19 -14.64 2.89 7.71
N ILE B 20 -13.66 3.57 8.31
CA ILE B 20 -13.80 4.25 9.64
C ILE B 20 -14.52 5.59 9.44
N CYS B 21 -13.92 6.56 8.74
CA CYS B 21 -14.47 7.93 8.58
C CYS B 21 -15.44 8.02 7.41
N GLN B 22 -15.23 7.23 6.36
CA GLN B 22 -16.08 7.15 5.13
C GLN B 22 -16.07 8.50 4.41
N SER B 23 -15.09 9.35 4.73
CA SER B 23 -15.00 10.76 4.27
C SER B 23 -13.73 10.98 3.44
N ARG B 24 -12.78 10.03 3.46
CA ARG B 24 -11.45 10.13 2.78
C ARG B 24 -11.15 8.82 2.07
N PRO B 25 -10.28 8.85 1.02
CA PRO B 25 -9.94 7.65 0.26
C PRO B 25 -9.11 6.65 1.09
N LYS B 26 -9.11 5.39 0.67
CA LYS B 26 -8.33 4.28 1.31
C LYS B 26 -6.87 4.37 0.86
N ASN B 27 -6.09 5.29 1.42
CA ASN B 27 -4.66 5.51 1.05
C ASN B 27 -3.75 5.30 2.28
N GLY B 28 -4.30 4.68 3.33
CA GLY B 28 -3.58 4.33 4.57
C GLY B 28 -3.33 2.85 4.66
N CYS B 29 -2.17 2.39 4.18
CA CYS B 29 -1.78 0.96 4.11
C CYS B 29 -1.21 0.48 5.45
N ILE B 30 -1.93 -0.42 6.12
CA ILE B 30 -1.52 -1.09 7.38
C ILE B 30 -0.53 -2.20 7.01
N VAL B 31 0.73 -2.04 7.36
CA VAL B 31 1.83 -3.01 7.07
C VAL B 31 1.98 -3.94 8.29
N HIS B 32 2.00 -5.25 8.06
CA HIS B 32 2.48 -6.26 9.03
C HIS B 32 3.48 -7.16 8.29
N GLY B 33 4.78 -6.92 8.49
CA GLY B 33 5.82 -7.65 7.76
C GLY B 33 5.81 -7.24 6.31
N ARG B 34 5.56 -8.17 5.39
CA ARG B 34 5.66 -7.98 3.92
C ARG B 34 4.28 -7.92 3.27
N THR B 35 3.19 -8.03 4.04
CA THR B 35 1.79 -7.86 3.56
C THR B 35 1.21 -6.58 4.15
N GLY B 36 0.30 -5.95 3.42
CA GLY B 36 -0.40 -4.70 3.81
C GLY B 36 -1.90 -4.85 3.60
N HIS B 37 -2.70 -4.13 4.40
CA HIS B 37 -4.17 -4.08 4.27
C HIS B 37 -4.64 -2.64 4.02
N LEU B 38 -5.48 -2.44 3.00
CA LEU B 38 -5.99 -1.13 2.57
C LEU B 38 -7.51 -1.10 2.75
N MET B 39 -7.97 -0.61 3.90
CA MET B 39 -9.39 -0.43 4.23
C MET B 39 -9.64 1.00 4.75
N ALA B 40 -8.59 1.74 5.12
CA ALA B 40 -8.71 3.04 5.83
C ALA B 40 -7.82 4.10 5.17
N CYS B 41 -8.09 5.37 5.47
CA CYS B 41 -7.27 6.53 5.07
C CYS B 41 -6.02 6.56 5.96
N TYR B 42 -4.95 7.19 5.49
CA TYR B 42 -3.65 7.32 6.19
C TYR B 42 -3.86 7.90 7.60
N THR B 43 -4.72 8.92 7.71
CA THR B 43 -4.99 9.68 8.94
C THR B 43 -5.72 8.79 9.95
N CYS B 44 -6.71 8.01 9.50
CA CYS B 44 -7.50 7.07 10.35
C CYS B 44 -6.62 5.90 10.78
N ALA B 45 -5.92 5.27 9.83
CA ALA B 45 -5.04 4.10 10.05
C ALA B 45 -3.90 4.46 11.01
N LYS B 46 -3.46 5.73 11.00
CA LYS B 46 -2.40 6.23 11.93
C LYS B 46 -2.95 6.33 13.36
N LYS B 47 -4.15 6.89 13.51
CA LYS B 47 -4.81 7.03 14.84
C LYS B 47 -4.94 5.64 15.49
N LEU B 48 -5.29 4.62 14.69
CA LEU B 48 -5.38 3.20 15.11
C LEU B 48 -4.05 2.76 15.73
N LYS B 49 -2.93 3.12 15.10
CA LYS B 49 -1.59 2.69 15.53
C LYS B 49 -1.19 3.43 16.80
N ASN B 50 -1.50 4.73 16.92
CA ASN B 50 -1.14 5.58 18.08
C ASN B 50 -1.98 5.15 19.29
N ARG B 51 -3.24 4.75 19.09
CA ARG B 51 -4.19 4.35 20.16
C ARG B 51 -4.13 2.83 20.37
N ASN B 52 -3.15 2.16 19.75
CA ASN B 52 -2.84 0.71 19.86
C ASN B 52 -4.09 -0.14 19.56
N LYS B 53 -4.84 0.21 18.52
CA LYS B 53 -5.94 -0.63 17.98
C LYS B 53 -5.30 -1.66 17.04
N LEU B 54 -6.04 -2.69 16.65
CA LEU B 54 -5.53 -3.74 15.73
C LEU B 54 -5.99 -3.40 14.32
N CYS B 55 -5.41 -4.07 13.32
CA CYS B 55 -5.87 -3.99 11.90
C CYS B 55 -7.31 -4.51 11.81
N PRO B 56 -8.28 -3.69 11.36
CA PRO B 56 -9.67 -4.15 11.23
C PRO B 56 -9.87 -5.35 10.30
N VAL B 57 -8.99 -5.52 9.31
CA VAL B 57 -9.08 -6.64 8.32
C VAL B 57 -8.77 -7.97 9.03
N CYS B 58 -7.66 -8.04 9.79
CA CYS B 58 -7.09 -9.30 10.36
C CYS B 58 -6.83 -9.24 11.88
N ARG B 59 -7.14 -8.12 12.56
CA ARG B 59 -6.98 -7.94 14.03
C ARG B 59 -5.56 -8.33 14.44
N GLU B 60 -4.57 -7.95 13.63
CA GLU B 60 -3.13 -8.17 13.85
C GLU B 60 -2.51 -6.80 14.09
N PRO B 61 -1.48 -6.65 14.94
CA PRO B 61 -0.92 -5.33 15.25
C PRO B 61 -0.41 -4.58 14.02
N ILE B 62 -0.68 -3.27 13.97
CA ILE B 62 -0.23 -2.34 12.91
C ILE B 62 1.25 -2.02 13.20
N GLN B 63 2.17 -2.55 12.40
CA GLN B 63 3.64 -2.33 12.55
C GLN B 63 4.03 -0.95 12.00
N SER B 64 3.37 -0.50 10.94
CA SER B 64 3.60 0.84 10.35
C SER B 64 2.47 1.16 9.39
N VAL B 65 2.36 2.43 9.00
CA VAL B 65 1.33 2.94 8.05
C VAL B 65 2.05 3.71 6.94
N VAL B 66 1.79 3.34 5.69
CA VAL B 66 2.36 4.00 4.48
C VAL B 66 1.25 4.82 3.85
N LEU B 67 1.52 6.11 3.56
CA LEU B 67 0.64 6.99 2.74
C LEU B 67 0.78 6.58 1.28
N THR B 68 -0.23 5.88 0.74
CA THR B 68 -0.21 5.21 -0.58
C THR B 68 -0.85 6.10 -1.66
N TYR B 69 -0.18 6.26 -2.81
CA TYR B 69 -0.68 7.02 -3.98
C TYR B 69 -0.82 6.06 -5.18
N MET B 70 -1.99 6.05 -5.81
CA MET B 70 -2.30 5.28 -7.04
C MET B 70 -1.78 6.02 -8.27
N SER B 71 -1.18 5.30 -9.21
CA SER B 71 -0.51 5.83 -10.44
C SER B 71 0.26 7.10 -10.09
#